data_5UCS
#
_entry.id   5UCS
#
_cell.length_a   39.056
_cell.length_b   82.826
_cell.length_c   91.095
_cell.angle_alpha   90.00
_cell.angle_beta   99.64
_cell.angle_gamma   90.00
#
_symmetry.space_group_name_H-M   'P 1 21 1'
#
loop_
_entity.id
_entity.type
_entity.pdbx_description
1 polymer 'Fructose-bisphosphate aldolase'
2 non-polymer 'SODIUM ION'
3 non-polymer 'ZINC ION'
4 water water
#
_entity_poly.entity_id   1
_entity_poly.type   'polypeptide(L)'
_entity_poly.pdbx_seq_one_letter_code
;MLVKGNEILLKAHKEGYGVGAFNFVNFEMLNAIFEAGNEENSPLFIQASEGAIKYMGIDMAVGMVKIMCERYPHIPVALH
LDHGTTFESCEKAVKAGFTSVMIDASHHAFEENLELTSKVVKMAHNAGVSVEAELGRLMGIEDNISVDAKDAVLVNPKEA
EQFVKESQVDYLAPAIGTSHGAFKFKGEPKLDFERLQEVKRLTNIPLVLHGASAIPDNVRKSYLDAGGDLKGSKGVPFEF
LQESVKGGINKVNTDTDLRIAFIAEVRKVANEDKSQFDLRKFFSPAQLALKNVVKERMKLLGSANKI
;
_entity_poly.pdbx_strand_id   A,B
#
loop_
_chem_comp.id
_chem_comp.type
_chem_comp.name
_chem_comp.formula
NA non-polymer 'SODIUM ION' 'Na 1'
ZN non-polymer 'ZINC ION' 'Zn 2'
#
# COMPACT_ATOMS: atom_id res chain seq x y z
N MET A 1 -14.37 16.13 0.40
CA MET A 1 -13.62 15.79 -0.85
C MET A 1 -12.24 16.46 -0.82
N LEU A 2 -11.47 16.35 -1.90
CA LEU A 2 -10.14 16.93 -1.99
C LEU A 2 -10.25 18.44 -2.19
N VAL A 3 -9.63 19.22 -1.29
CA VAL A 3 -9.80 20.68 -1.25
C VAL A 3 -8.46 21.36 -1.03
N LYS A 4 -8.41 22.63 -1.43
CA LYS A 4 -7.27 23.50 -1.17
C LYS A 4 -6.93 23.50 0.32
N GLY A 5 -5.64 23.42 0.64
CA GLY A 5 -5.24 23.37 2.05
C GLY A 5 -5.77 24.52 2.88
N ASN A 6 -5.75 25.74 2.34
CA ASN A 6 -6.22 26.87 3.14
C ASN A 6 -7.72 26.78 3.43
N GLU A 7 -8.50 26.07 2.63
CA GLU A 7 -9.91 25.94 2.97
C GLU A 7 -10.06 25.30 4.35
N ILE A 8 -9.26 24.27 4.63
CA ILE A 8 -9.29 23.60 5.93
C ILE A 8 -8.65 24.47 7.00
N LEU A 9 -7.47 25.05 6.71
CA LEU A 9 -6.75 25.76 7.75
C LEU A 9 -7.29 27.15 8.06
N LEU A 10 -7.91 27.84 7.09
CA LEU A 10 -8.54 29.11 7.42
C LEU A 10 -9.66 28.93 8.43
N LYS A 11 -10.43 27.85 8.29
CA LYS A 11 -11.50 27.55 9.25
C LYS A 11 -10.91 27.29 10.63
N ALA A 12 -9.84 26.48 10.68
CA ALA A 12 -9.16 26.22 11.93
C ALA A 12 -8.60 27.51 12.54
N HIS A 13 -8.03 28.37 11.69
CA HIS A 13 -7.52 29.67 12.13
C HIS A 13 -8.64 30.51 12.74
N LYS A 14 -9.76 30.61 12.03
CA LYS A 14 -10.84 31.49 12.48
C LYS A 14 -11.43 31.00 13.80
N GLU A 15 -11.54 29.68 13.97
CA GLU A 15 -12.25 29.08 15.09
C GLU A 15 -11.32 28.61 16.20
N GLY A 16 -10.00 28.71 16.00
CA GLY A 16 -9.05 28.42 17.05
C GLY A 16 -8.82 26.97 17.40
N TYR A 17 -8.77 26.10 16.41
CA TYR A 17 -8.44 24.72 16.67
C TYR A 17 -7.33 24.27 15.74
N GLY A 18 -6.81 23.07 16.03
CA GLY A 18 -5.71 22.49 15.29
C GLY A 18 -6.14 21.31 14.46
N VAL A 19 -5.49 21.16 13.31
CA VAL A 19 -5.73 20.04 12.41
C VAL A 19 -4.45 19.23 12.32
N GLY A 20 -4.53 17.96 12.69
CA GLY A 20 -3.38 17.08 12.50
C GLY A 20 -3.08 16.92 11.03
N ALA A 21 -1.80 16.94 10.70
CA ALA A 21 -1.35 16.74 9.34
C ALA A 21 -0.57 15.44 9.34
N PHE A 22 -1.19 14.38 8.84
CA PHE A 22 -0.71 13.03 9.05
C PHE A 22 0.01 12.51 7.81
N ASN A 23 1.24 12.07 8.02
CA ASN A 23 2.04 11.55 6.93
C ASN A 23 1.63 10.12 6.57
N PHE A 24 1.79 9.78 5.29
CA PHE A 24 1.67 8.40 4.83
C PHE A 24 2.79 8.03 3.87
N VAL A 25 3.13 6.74 3.85
CA VAL A 25 4.04 6.18 2.86
C VAL A 25 3.45 5.04 2.06
N ASN A 26 2.26 4.55 2.39
CA ASN A 26 1.69 3.41 1.70
C ASN A 26 0.19 3.33 1.99
N PHE A 27 -0.42 2.25 1.53
CA PHE A 27 -1.87 2.09 1.66
C PHE A 27 -2.28 1.94 3.12
N GLU A 28 -1.55 1.16 3.91
CA GLU A 28 -1.97 0.91 5.28
C GLU A 28 -2.05 2.20 6.09
N MET A 29 -1.03 3.04 6.00
CA MET A 29 -1.07 4.31 6.74
C MET A 29 -2.24 5.16 6.28
N LEU A 30 -2.41 5.27 4.96
CA LEU A 30 -3.48 6.10 4.41
C LEU A 30 -4.87 5.63 4.85
N ASN A 31 -5.10 4.32 4.80
CA ASN A 31 -6.41 3.78 5.15
C ASN A 31 -6.72 4.07 6.61
N ALA A 32 -5.75 3.87 7.49
CA ALA A 32 -5.93 4.13 8.91
C ALA A 32 -6.24 5.59 9.19
N ILE A 33 -5.54 6.50 8.50
CA ILE A 33 -5.79 7.94 8.69
C ILE A 33 -7.21 8.29 8.27
N PHE A 34 -7.64 7.80 7.11
CA PHE A 34 -8.99 8.08 6.62
C PHE A 34 -10.05 7.50 7.53
N GLU A 35 -9.89 6.25 8.00
CA GLU A 35 -10.88 5.69 8.91
C GLU A 35 -10.98 6.51 10.19
N ALA A 36 -9.83 6.99 10.70
CA ALA A 36 -9.84 7.85 11.89
C ALA A 36 -10.65 9.10 11.62
N GLY A 37 -10.42 9.75 10.48
CA GLY A 37 -11.17 10.96 10.18
C GLY A 37 -12.65 10.70 10.04
N ASN A 38 -12.99 9.57 9.45
CA ASN A 38 -14.40 9.20 9.37
C ASN A 38 -15.00 8.97 10.74
N GLU A 39 -14.28 8.27 11.63
CA GLU A 39 -14.82 7.91 12.93
C GLU A 39 -14.89 9.11 13.87
N GLU A 40 -14.02 10.10 13.69
CA GLU A 40 -14.03 11.29 14.55
C GLU A 40 -14.69 12.48 13.89
N ASN A 41 -15.26 12.32 12.70
CA ASN A 41 -15.88 13.43 11.99
C ASN A 41 -14.94 14.64 11.91
N SER A 42 -13.71 14.39 11.45
CA SER A 42 -12.64 15.39 11.41
C SER A 42 -12.16 15.64 9.98
N PRO A 43 -11.89 16.88 9.61
CA PRO A 43 -11.16 17.13 8.37
C PRO A 43 -9.78 16.53 8.46
N LEU A 44 -9.21 16.26 7.29
CA LEU A 44 -7.95 15.53 7.13
C LEU A 44 -6.95 16.38 6.35
N PHE A 45 -5.77 16.60 6.91
CA PHE A 45 -4.59 17.01 6.15
C PHE A 45 -3.72 15.78 6.00
N ILE A 46 -3.56 15.31 4.75
CA ILE A 46 -2.76 14.15 4.42
C ILE A 46 -1.45 14.64 3.84
N GLN A 47 -0.32 14.17 4.39
CA GLN A 47 1.00 14.70 4.03
C GLN A 47 1.83 13.60 3.39
N ALA A 48 2.61 13.96 2.38
CA ALA A 48 3.62 13.07 1.81
C ALA A 48 4.93 13.82 1.71
N SER A 49 5.96 13.25 2.31
CA SER A 49 7.30 13.78 2.19
C SER A 49 7.86 13.49 0.80
N GLU A 50 8.98 14.17 0.48
CA GLU A 50 9.66 13.87 -0.78
C GLU A 50 10.09 12.42 -0.83
N GLY A 51 10.53 11.88 0.30
CA GLY A 51 10.95 10.48 0.32
C GLY A 51 9.77 9.55 0.11
N ALA A 52 8.62 9.90 0.68
CA ALA A 52 7.43 9.10 0.46
C ALA A 52 6.99 9.13 -0.99
N ILE A 53 7.08 10.29 -1.63
CA ILE A 53 6.75 10.41 -3.05
C ILE A 53 7.69 9.56 -3.91
N LYS A 54 8.98 9.56 -3.59
CA LYS A 54 9.89 8.72 -4.36
C LYS A 54 9.56 7.25 -4.14
N TYR A 55 9.19 6.88 -2.91
CA TYR A 55 8.89 5.50 -2.57
C TYR A 55 7.64 5.00 -3.28
N MET A 56 6.57 5.81 -3.26
CA MET A 56 5.29 5.43 -3.85
C MET A 56 5.23 5.71 -5.34
N GLY A 57 5.94 6.74 -5.79
CA GLY A 57 5.65 7.38 -7.06
C GLY A 57 4.54 8.41 -6.88
N ILE A 58 4.71 9.62 -7.41
CA ILE A 58 3.71 10.66 -7.18
C ILE A 58 2.35 10.29 -7.76
N ASP A 59 2.33 9.51 -8.85
CA ASP A 59 1.09 9.04 -9.45
C ASP A 59 0.30 8.15 -8.50
N MET A 60 1.00 7.31 -7.75
CA MET A 60 0.33 6.42 -6.79
C MET A 60 -0.06 7.18 -5.53
N ALA A 61 0.78 8.12 -5.09
CA ALA A 61 0.44 8.89 -3.90
C ALA A 61 -0.86 9.66 -4.13
N VAL A 62 -0.94 10.40 -5.24
CA VAL A 62 -2.17 11.13 -5.53
C VAL A 62 -3.31 10.16 -5.81
N GLY A 63 -3.02 9.11 -6.60
CA GLY A 63 -4.08 8.21 -7.03
C GLY A 63 -4.73 7.49 -5.87
N MET A 64 -3.94 7.01 -4.90
CA MET A 64 -4.54 6.38 -3.72
C MET A 64 -5.38 7.38 -2.93
N VAL A 65 -4.88 8.61 -2.76
CA VAL A 65 -5.67 9.59 -2.01
C VAL A 65 -7.01 9.85 -2.71
N LYS A 66 -6.99 9.96 -4.04
CA LYS A 66 -8.23 10.23 -4.77
C LYS A 66 -9.22 9.08 -4.60
N ILE A 67 -8.73 7.84 -4.56
CA ILE A 67 -9.60 6.70 -4.32
C ILE A 67 -10.22 6.80 -2.93
N MET A 68 -9.40 7.16 -1.94
CA MET A 68 -9.89 7.27 -0.57
C MET A 68 -10.90 8.42 -0.44
N CYS A 69 -10.67 9.52 -1.13
N CYS A 69 -10.69 9.52 -1.14
CA CYS A 69 -11.62 10.64 -1.07
CA CYS A 69 -11.64 10.63 -1.01
C CYS A 69 -12.98 10.23 -1.62
C CYS A 69 -12.96 10.34 -1.71
N GLU A 70 -12.98 9.42 -2.68
CA GLU A 70 -14.24 8.95 -3.24
C GLU A 70 -14.94 7.98 -2.30
N ARG A 71 -14.17 7.28 -1.48
CA ARG A 71 -14.75 6.35 -0.51
C ARG A 71 -15.39 7.10 0.65
N TYR A 72 -14.86 8.29 0.98
CA TYR A 72 -15.33 9.14 2.08
C TYR A 72 -15.54 10.56 1.59
N PRO A 73 -16.49 10.78 0.68
CA PRO A 73 -16.63 12.10 0.03
C PRO A 73 -17.08 13.22 0.95
N HIS A 74 -17.56 12.90 2.14
CA HIS A 74 -18.02 13.92 3.06
C HIS A 74 -16.87 14.55 3.86
N ILE A 75 -15.66 13.99 3.82
CA ILE A 75 -14.55 14.46 4.65
C ILE A 75 -13.74 15.46 3.83
N PRO A 76 -13.55 16.69 4.30
CA PRO A 76 -12.60 17.58 3.62
C PRO A 76 -11.19 17.04 3.76
N VAL A 77 -10.49 16.94 2.64
CA VAL A 77 -9.13 16.41 2.59
C VAL A 77 -8.23 17.37 1.83
N ALA A 78 -7.11 17.74 2.42
CA ALA A 78 -6.04 18.40 1.69
C ALA A 78 -4.87 17.43 1.55
N LEU A 79 -4.24 17.43 0.38
CA LEU A 79 -3.09 16.59 0.10
C LEU A 79 -1.89 17.50 -0.04
N HIS A 80 -0.90 17.30 0.85
CA HIS A 80 0.11 18.31 1.12
C HIS A 80 1.51 17.73 0.93
N LEU A 81 2.33 18.46 0.20
CA LEU A 81 3.75 18.12 0.08
C LEU A 81 4.47 18.60 1.32
N ASP A 82 5.03 17.67 2.08
CA ASP A 82 5.70 17.94 3.33
C ASP A 82 7.18 18.14 3.10
N HIS A 83 7.71 19.28 3.55
N HIS A 83 7.71 19.28 3.55
CA HIS A 83 9.12 19.61 3.41
CA HIS A 83 9.11 19.63 3.40
C HIS A 83 9.61 19.43 1.97
C HIS A 83 9.61 19.42 1.97
N GLY A 84 8.90 20.06 1.04
CA GLY A 84 9.46 20.27 -0.28
C GLY A 84 10.76 21.05 -0.16
N THR A 85 11.74 20.67 -0.97
CA THR A 85 13.05 21.31 -0.88
C THR A 85 13.43 22.14 -2.09
N THR A 86 12.66 22.09 -3.18
CA THR A 86 12.99 22.86 -4.36
C THR A 86 11.70 23.34 -5.00
N PHE A 87 11.82 24.42 -5.78
CA PHE A 87 10.70 24.87 -6.59
C PHE A 87 10.16 23.75 -7.47
N GLU A 88 11.05 22.99 -8.11
CA GLU A 88 10.65 21.96 -9.07
C GLU A 88 9.87 20.85 -8.40
N SER A 89 10.26 20.46 -7.18
CA SER A 89 9.49 19.49 -6.43
C SER A 89 8.10 20.00 -6.15
N CYS A 90 7.99 21.25 -5.66
CA CYS A 90 6.67 21.85 -5.43
C CYS A 90 5.85 21.89 -6.72
N GLU A 91 6.48 22.27 -7.84
CA GLU A 91 5.76 22.34 -9.12
C GLU A 91 5.28 20.97 -9.58
N LYS A 92 6.12 19.94 -9.44
CA LYS A 92 5.68 18.59 -9.78
C LYS A 92 4.48 18.17 -8.92
N ALA A 93 4.47 18.55 -7.65
CA ALA A 93 3.35 18.18 -6.79
C ALA A 93 2.07 18.91 -7.21
N VAL A 94 2.18 20.20 -7.53
CA VAL A 94 1.04 20.95 -8.07
C VAL A 94 0.48 20.26 -9.31
N LYS A 95 1.38 19.93 -10.26
CA LYS A 95 0.92 19.34 -11.53
C LYS A 95 0.29 17.98 -11.33
N ALA A 96 0.76 17.21 -10.33
CA ALA A 96 0.22 15.90 -10.05
C ALA A 96 -1.12 15.95 -9.31
N GLY A 97 -1.46 17.07 -8.71
CA GLY A 97 -2.75 17.21 -8.08
C GLY A 97 -2.75 17.42 -6.58
N PHE A 98 -1.59 17.70 -5.97
CA PHE A 98 -1.59 18.13 -4.58
C PHE A 98 -2.34 19.45 -4.44
N THR A 99 -2.97 19.64 -3.29
CA THR A 99 -3.73 20.86 -3.04
C THR A 99 -3.07 21.78 -2.02
N SER A 100 -1.87 21.41 -1.55
CA SER A 100 -1.08 22.22 -0.64
C SER A 100 0.37 21.79 -0.82
N VAL A 101 1.31 22.74 -0.81
CA VAL A 101 2.73 22.41 -0.90
C VAL A 101 3.50 23.23 0.13
N MET A 102 4.43 22.57 0.80
CA MET A 102 5.36 23.24 1.69
C MET A 102 6.74 23.36 1.04
N ILE A 103 7.27 24.59 1.00
CA ILE A 103 8.64 24.85 0.61
C ILE A 103 9.44 25.16 1.88
N ASP A 104 10.44 24.33 2.17
CA ASP A 104 11.31 24.54 3.32
C ASP A 104 12.64 25.12 2.85
N ALA A 105 12.77 26.43 3.01
CA ALA A 105 14.03 27.13 2.80
C ALA A 105 14.53 27.74 4.10
N SER A 106 14.13 27.16 5.24
CA SER A 106 14.40 27.75 6.54
C SER A 106 15.87 27.65 6.94
N HIS A 107 16.66 26.91 6.20
CA HIS A 107 18.09 26.85 6.42
C HIS A 107 18.83 27.96 5.70
N HIS A 108 18.13 28.73 4.87
CA HIS A 108 18.71 29.88 4.19
C HIS A 108 18.45 31.16 4.98
N ALA A 109 19.28 32.17 4.69
CA ALA A 109 19.06 33.49 5.23
C ALA A 109 17.72 34.02 4.75
N PHE A 110 17.20 34.98 5.52
CA PHE A 110 15.88 35.54 5.28
C PHE A 110 15.65 35.86 3.81
N GLU A 111 16.57 36.60 3.20
CA GLU A 111 16.36 37.05 1.83
C GLU A 111 16.17 35.86 0.89
N GLU A 112 16.98 34.82 1.06
CA GLU A 112 16.93 33.72 0.12
C GLU A 112 15.71 32.84 0.40
N ASN A 113 15.37 32.66 1.67
CA ASN A 113 14.15 31.94 2.05
C ASN A 113 12.93 32.65 1.47
N LEU A 114 12.88 33.98 1.62
CA LEU A 114 11.76 34.74 1.06
C LEU A 114 11.71 34.64 -0.46
N GLU A 115 12.85 34.72 -1.13
CA GLU A 115 12.86 34.68 -2.59
C GLU A 115 12.31 33.36 -3.11
N LEU A 116 12.78 32.24 -2.56
CA LEU A 116 12.35 30.95 -3.05
C LEU A 116 10.89 30.69 -2.68
N THR A 117 10.52 31.00 -1.44
CA THR A 117 9.13 30.87 -1.02
C THR A 117 8.21 31.69 -1.92
N SER A 118 8.58 32.94 -2.19
CA SER A 118 7.73 33.78 -3.02
C SER A 118 7.58 33.19 -4.41
N LYS A 119 8.66 32.60 -4.96
CA LYS A 119 8.57 31.98 -6.27
C LYS A 119 7.61 30.80 -6.26
N VAL A 120 7.68 29.97 -5.21
CA VAL A 120 6.74 28.85 -5.08
C VAL A 120 5.30 29.36 -4.99
N VAL A 121 5.07 30.39 -4.17
CA VAL A 121 3.72 30.91 -3.95
C VAL A 121 3.11 31.36 -5.28
N LYS A 122 3.88 32.09 -6.09
CA LYS A 122 3.31 32.59 -7.34
C LYS A 122 2.85 31.44 -8.22
N MET A 123 3.68 30.40 -8.34
CA MET A 123 3.33 29.23 -9.15
C MET A 123 2.13 28.50 -8.57
N ALA A 124 2.16 28.24 -7.26
CA ALA A 124 1.08 27.48 -6.63
C ALA A 124 -0.25 28.23 -6.67
N HIS A 125 -0.23 29.52 -6.34
CA HIS A 125 -1.46 30.28 -6.37
C HIS A 125 -2.04 30.35 -7.78
N ASN A 126 -1.18 30.46 -8.79
CA ASN A 126 -1.71 30.46 -10.15
C ASN A 126 -2.47 29.17 -10.46
N ALA A 127 -2.16 28.09 -9.75
CA ALA A 127 -2.83 26.80 -9.94
C ALA A 127 -3.85 26.51 -8.85
N GLY A 128 -4.16 27.48 -8.00
CA GLY A 128 -5.15 27.28 -6.95
C GLY A 128 -4.71 26.37 -5.82
N VAL A 129 -3.42 26.34 -5.53
CA VAL A 129 -2.85 25.48 -4.50
C VAL A 129 -2.27 26.37 -3.40
N SER A 130 -2.48 25.99 -2.14
CA SER A 130 -2.00 26.75 -1.00
C SER A 130 -0.56 26.36 -0.65
N VAL A 131 0.12 27.25 0.08
CA VAL A 131 1.56 27.12 0.33
C VAL A 131 1.90 27.34 1.79
N GLU A 132 2.77 26.49 2.32
CA GLU A 132 3.37 26.62 3.63
C GLU A 132 4.87 26.92 3.46
N ALA A 133 5.42 27.74 4.36
CA ALA A 133 6.87 27.94 4.46
C ALA A 133 7.26 27.88 5.94
N GLU A 134 8.56 27.96 6.20
CA GLU A 134 9.10 27.81 7.54
C GLU A 134 10.12 28.90 7.81
N LEU A 135 10.16 29.39 9.04
CA LEU A 135 11.03 30.50 9.38
C LEU A 135 11.48 30.41 10.83
N GLY A 136 12.79 30.49 11.04
CA GLY A 136 13.35 30.61 12.39
C GLY A 136 14.57 31.50 12.41
N LEU A 154 15.13 30.96 17.81
CA LEU A 154 13.69 31.07 17.61
C LEU A 154 13.34 32.22 16.67
N VAL A 155 12.12 32.17 16.14
CA VAL A 155 11.69 33.14 15.14
C VAL A 155 11.59 34.52 15.76
N ASN A 156 11.98 35.55 15.00
CA ASN A 156 11.71 36.93 15.39
C ASN A 156 10.33 37.31 14.85
N PRO A 157 9.37 37.65 15.71
CA PRO A 157 8.02 37.90 15.19
C PRO A 157 7.96 38.99 14.15
N LYS A 158 8.77 40.05 14.27
CA LYS A 158 8.72 41.11 13.27
C LYS A 158 9.22 40.61 11.92
N GLU A 159 10.23 39.71 11.92
CA GLU A 159 10.65 39.11 10.67
C GLU A 159 9.57 38.20 10.08
N ALA A 160 8.85 37.46 10.93
CA ALA A 160 7.76 36.64 10.45
C ALA A 160 6.68 37.50 9.81
N GLU A 161 6.37 38.63 10.44
CA GLU A 161 5.40 39.56 9.88
C GLU A 161 5.78 39.99 8.47
N GLN A 162 7.03 40.43 8.29
CA GLN A 162 7.48 40.89 6.99
C GLN A 162 7.51 39.73 6.00
N PHE A 163 7.97 38.57 6.46
CA PHE A 163 8.04 37.40 5.59
C PHE A 163 6.68 37.04 5.00
N VAL A 164 5.65 37.05 5.85
CA VAL A 164 4.31 36.66 5.38
C VAL A 164 3.75 37.71 4.43
N LYS A 165 3.90 38.99 4.78
CA LYS A 165 3.37 40.05 3.93
C LYS A 165 3.96 40.01 2.53
N GLU A 166 5.29 39.88 2.44
CA GLU A 166 5.95 39.95 1.15
C GLU A 166 5.81 38.66 0.33
N SER A 167 5.80 37.48 0.96
CA SER A 167 5.71 36.23 0.21
C SER A 167 4.29 35.87 -0.18
N GLN A 168 3.29 36.36 0.57
N GLN A 168 3.28 36.35 0.55
CA GLN A 168 1.90 35.96 0.42
CA GLN A 168 1.88 35.97 0.38
C GLN A 168 1.71 34.45 0.65
C GLN A 168 1.61 34.51 0.79
N VAL A 169 2.54 33.87 1.51
CA VAL A 169 2.37 32.47 1.87
C VAL A 169 1.09 32.31 2.69
N ASP A 170 0.47 31.13 2.57
CA ASP A 170 -0.83 30.91 3.20
C ASP A 170 -0.71 30.48 4.66
N TYR A 171 0.29 29.69 5.01
CA TYR A 171 0.53 29.33 6.40
C TYR A 171 2.01 29.22 6.66
N LEU A 172 2.41 29.44 7.90
CA LEU A 172 3.82 29.55 8.27
C LEU A 172 4.10 28.60 9.43
N ALA A 173 5.24 27.90 9.35
CA ALA A 173 5.77 27.12 10.45
C ALA A 173 6.87 27.93 11.15
N PRO A 174 6.58 28.62 12.24
CA PRO A 174 7.62 29.38 12.94
C PRO A 174 8.37 28.53 13.95
N ALA A 175 9.65 28.83 14.12
CA ALA A 175 10.47 28.14 15.12
C ALA A 175 10.09 28.68 16.48
N ILE A 176 9.36 27.90 17.28
CA ILE A 176 8.84 28.38 18.55
C ILE A 176 9.16 27.43 19.69
N GLY A 177 10.18 26.60 19.54
CA GLY A 177 10.66 25.86 20.70
C GLY A 177 10.87 24.37 20.53
N THR A 178 10.56 23.81 19.36
CA THR A 178 10.91 22.43 19.09
C THR A 178 12.30 22.35 18.47
N SER A 179 13.01 21.26 18.77
CA SER A 179 14.31 20.97 18.16
C SER A 179 14.03 20.24 16.85
N HIS A 180 14.18 20.94 15.74
CA HIS A 180 13.70 20.43 14.46
C HIS A 180 14.45 21.14 13.34
N GLY A 181 14.75 20.38 12.29
CA GLY A 181 15.27 20.95 11.06
C GLY A 181 16.46 21.85 11.26
N ALA A 182 16.35 23.10 10.81
CA ALA A 182 17.42 24.08 10.92
C ALA A 182 17.53 24.69 12.31
N PHE A 183 16.73 24.22 13.27
CA PHE A 183 16.62 24.81 14.59
C PHE A 183 16.81 23.76 15.67
N LYS A 184 17.67 22.78 15.40
CA LYS A 184 17.94 21.75 16.38
C LYS A 184 18.83 22.30 17.48
N PHE A 185 18.46 21.98 18.73
CA PHE A 185 19.29 22.32 19.88
C PHE A 185 19.40 21.11 20.80
N LYS A 186 20.23 21.27 21.81
CA LYS A 186 20.43 20.27 22.84
C LYS A 186 19.71 20.75 24.08
N GLY A 187 19.10 19.83 24.80
CA GLY A 187 18.31 20.17 25.96
C GLY A 187 16.83 19.96 25.72
N GLU A 188 16.05 20.45 26.67
CA GLU A 188 14.62 20.16 26.68
C GLU A 188 13.87 21.15 25.80
N PRO A 189 13.07 20.69 24.84
CA PRO A 189 12.25 21.62 24.05
C PRO A 189 11.17 22.26 24.92
N LYS A 190 10.93 23.54 24.67
CA LYS A 190 9.98 24.33 25.45
C LYS A 190 9.26 25.27 24.52
N LEU A 191 7.93 25.27 24.58
CA LEU A 191 7.13 26.18 23.77
C LEU A 191 7.30 27.60 24.27
N ASP A 192 7.63 28.51 23.36
CA ASP A 192 7.65 29.94 23.68
C ASP A 192 6.26 30.49 23.38
N PHE A 193 5.38 30.41 24.39
CA PHE A 193 3.99 30.73 24.17
C PHE A 193 3.78 32.19 23.80
N GLU A 194 4.44 33.11 24.51
CA GLU A 194 4.22 34.52 24.22
C GLU A 194 4.78 34.89 22.85
N ARG A 195 5.91 34.30 22.47
CA ARG A 195 6.42 34.48 21.11
C ARG A 195 5.43 33.95 20.08
N LEU A 196 4.85 32.78 20.33
CA LEU A 196 3.85 32.25 19.42
C LEU A 196 2.69 33.23 19.25
N GLN A 197 2.16 33.74 20.36
CA GLN A 197 1.04 34.67 20.28
C GLN A 197 1.41 35.93 19.51
N GLU A 198 2.63 36.44 19.70
CA GLU A 198 3.10 37.59 18.95
C GLU A 198 3.15 37.28 17.45
N VAL A 199 3.77 36.15 17.07
CA VAL A 199 3.77 35.76 15.66
C VAL A 199 2.34 35.71 15.14
N LYS A 200 1.43 35.11 15.92
CA LYS A 200 0.05 34.95 15.48
C LYS A 200 -0.61 36.30 15.29
N ARG A 201 -0.41 37.22 16.24
CA ARG A 201 -1.05 38.53 16.14
C ARG A 201 -0.53 39.31 14.95
N LEU A 202 0.78 39.21 14.67
CA LEU A 202 1.37 39.98 13.58
C LEU A 202 1.07 39.39 12.22
N THR A 203 1.05 38.06 12.09
CA THR A 203 0.87 37.45 10.77
C THR A 203 -0.61 37.24 10.42
N ASN A 204 -1.43 36.93 11.44
CA ASN A 204 -2.85 36.69 11.25
C ASN A 204 -3.12 35.69 10.13
N ILE A 205 -2.36 34.60 10.10
CA ILE A 205 -2.62 33.48 9.20
C ILE A 205 -2.57 32.19 10.00
N PRO A 206 -3.00 31.07 9.43
CA PRO A 206 -2.81 29.79 10.10
C PRO A 206 -1.33 29.49 10.29
N LEU A 207 -1.00 28.90 11.44
CA LEU A 207 0.37 28.58 11.79
C LEU A 207 0.56 27.09 11.96
N VAL A 208 1.79 26.64 11.77
CA VAL A 208 2.11 25.22 11.69
C VAL A 208 3.19 24.87 12.70
N LEU A 209 3.03 23.72 13.35
CA LEU A 209 4.00 23.21 14.31
C LEU A 209 4.66 21.96 13.75
N HIS A 210 5.99 22.02 13.62
CA HIS A 210 6.86 20.93 13.22
C HIS A 210 7.65 20.44 14.43
N GLY A 211 8.07 19.18 14.36
CA GLY A 211 8.98 18.61 15.33
C GLY A 211 8.39 18.32 16.68
N ALA A 212 7.07 18.18 16.79
CA ALA A 212 6.40 17.98 18.06
C ALA A 212 5.78 16.58 18.12
N SER A 213 6.65 15.57 18.14
CA SER A 213 6.19 14.21 18.39
C SER A 213 5.81 14.10 19.86
N ALA A 214 4.65 13.48 20.15
CA ALA A 214 4.23 13.30 21.54
C ALA A 214 4.69 11.98 22.16
N ILE A 215 4.83 10.93 21.36
CA ILE A 215 5.10 9.56 21.83
C ILE A 215 4.24 9.27 23.04
N PRO A 216 2.94 9.03 22.86
CA PRO A 216 2.07 8.77 24.01
C PRO A 216 2.51 7.55 24.79
N ASP A 217 2.21 7.55 26.10
CA ASP A 217 2.65 6.47 26.97
C ASP A 217 2.22 5.10 26.46
N ASN A 218 0.97 4.97 25.99
CA ASN A 218 0.51 3.66 25.53
C ASN A 218 1.26 3.20 24.29
N VAL A 219 1.62 4.14 23.41
CA VAL A 219 2.38 3.84 22.21
C VAL A 219 3.80 3.43 22.58
N ARG A 220 4.44 4.20 23.47
CA ARG A 220 5.76 3.82 23.97
C ARG A 220 5.71 2.41 24.57
N LYS A 221 4.72 2.15 25.43
CA LYS A 221 4.63 0.84 26.07
C LYS A 221 4.51 -0.28 25.04
N SER A 222 3.68 -0.09 24.01
N SER A 222 3.66 -0.07 24.04
CA SER A 222 3.51 -1.12 23.00
CA SER A 222 3.49 -1.07 22.99
C SER A 222 4.81 -1.35 22.24
C SER A 222 4.81 -1.34 22.28
N TYR A 223 5.52 -0.28 21.90
CA TYR A 223 6.77 -0.44 21.17
C TYR A 223 7.82 -1.17 22.00
N LEU A 224 8.01 -0.75 23.27
CA LEU A 224 9.04 -1.38 24.11
C LEU A 224 8.65 -2.80 24.51
N ASP A 225 7.36 -3.05 24.77
CA ASP A 225 6.92 -4.41 25.07
C ASP A 225 7.22 -5.36 23.91
N ALA A 226 7.17 -4.87 22.67
CA ALA A 226 7.48 -5.67 21.49
C ALA A 226 8.98 -5.75 21.20
N GLY A 227 9.84 -5.31 22.13
CA GLY A 227 11.27 -5.43 21.97
C GLY A 227 11.94 -4.23 21.35
N GLY A 228 11.21 -3.16 21.12
CA GLY A 228 11.79 -1.98 20.54
C GLY A 228 12.69 -1.20 21.50
N ASP A 229 13.41 -0.25 20.91
CA ASP A 229 14.31 0.65 21.62
C ASP A 229 14.00 2.04 21.12
N LEU A 230 13.64 2.96 22.02
CA LEU A 230 13.34 4.32 21.60
C LEU A 230 14.50 5.28 21.85
N LYS A 231 15.74 4.78 21.73
CA LYS A 231 16.97 5.56 21.69
C LYS A 231 16.85 6.94 22.30
N GLY A 232 16.54 7.00 23.59
CA GLY A 232 16.47 8.26 24.31
C GLY A 232 15.68 9.35 23.62
N SER A 233 14.73 8.99 22.76
CA SER A 233 13.86 9.96 22.12
C SER A 233 12.63 10.18 22.99
N LYS A 234 12.36 11.44 23.32
CA LYS A 234 11.23 11.81 24.16
C LYS A 234 10.28 12.66 23.35
N GLY A 235 9.00 12.49 23.59
CA GLY A 235 8.00 13.31 22.95
C GLY A 235 7.67 14.53 23.78
N VAL A 236 7.10 15.54 23.12
CA VAL A 236 6.58 16.69 23.86
C VAL A 236 5.29 16.29 24.56
N PRO A 237 5.02 16.81 25.77
CA PRO A 237 3.76 16.45 26.44
C PRO A 237 2.55 16.85 25.61
N PHE A 238 1.45 16.13 25.81
CA PHE A 238 0.18 16.58 25.23
C PHE A 238 -0.12 18.03 25.61
N GLU A 239 0.33 18.46 26.78
CA GLU A 239 0.14 19.85 27.18
C GLU A 239 0.82 20.81 26.21
N PHE A 240 2.00 20.42 25.71
CA PHE A 240 2.68 21.23 24.70
C PHE A 240 1.78 21.45 23.50
N LEU A 241 1.19 20.36 22.98
CA LEU A 241 0.32 20.46 21.81
C LEU A 241 -0.91 21.32 22.09
N GLN A 242 -1.56 21.08 23.24
CA GLN A 242 -2.75 21.86 23.58
C GLN A 242 -2.43 23.34 23.75
N GLU A 243 -1.32 23.65 24.42
CA GLU A 243 -0.96 25.06 24.59
C GLU A 243 -0.59 25.69 23.25
N SER A 244 0.02 24.92 22.35
CA SER A 244 0.34 25.44 21.03
C SER A 244 -0.94 25.85 20.30
N VAL A 245 -1.98 24.99 20.34
CA VAL A 245 -3.24 25.34 19.70
C VAL A 245 -3.85 26.56 20.37
N LYS A 246 -3.80 26.61 21.71
CA LYS A 246 -4.27 27.79 22.42
C LYS A 246 -3.58 29.05 21.92
N GLY A 247 -2.31 28.96 21.55
CA GLY A 247 -1.54 30.09 21.08
C GLY A 247 -1.69 30.44 19.61
N GLY A 248 -2.29 29.56 18.79
CA GLY A 248 -2.56 29.90 17.42
C GLY A 248 -2.10 28.89 16.40
N ILE A 249 -1.52 27.78 16.84
CA ILE A 249 -1.16 26.71 15.92
C ILE A 249 -2.43 26.07 15.37
N ASN A 250 -2.47 25.90 14.05
CA ASN A 250 -3.63 25.32 13.38
C ASN A 250 -3.31 24.05 12.62
N LYS A 251 -2.05 23.70 12.40
CA LYS A 251 -1.64 22.49 11.70
C LYS A 251 -0.50 21.86 12.49
N VAL A 252 -0.65 20.58 12.86
CA VAL A 252 0.33 19.88 13.69
C VAL A 252 0.83 18.67 12.92
N ASN A 253 2.07 18.75 12.42
CA ASN A 253 2.65 17.66 11.65
C ASN A 253 2.86 16.45 12.54
N THR A 254 2.40 15.30 12.05
CA THR A 254 2.35 14.07 12.83
C THR A 254 2.78 12.90 11.95
N ASP A 255 3.92 12.28 12.28
CA ASP A 255 4.48 11.18 11.50
C ASP A 255 5.09 10.17 12.46
N THR A 256 6.05 10.61 13.27
CA THR A 256 6.77 9.72 14.19
C THR A 256 5.82 8.90 15.06
N ASP A 257 4.83 9.54 15.68
CA ASP A 257 3.88 8.83 16.54
C ASP A 257 3.13 7.74 15.78
N LEU A 258 2.80 7.99 14.51
CA LEU A 258 2.11 6.98 13.72
C LEU A 258 3.02 5.79 13.46
N ARG A 259 4.28 6.06 13.12
CA ARG A 259 5.18 4.97 12.75
C ARG A 259 5.47 4.09 13.95
N ILE A 260 5.66 4.70 15.13
CA ILE A 260 5.98 3.89 16.31
C ILE A 260 4.82 2.97 16.62
N ALA A 261 3.58 3.49 16.61
CA ALA A 261 2.44 2.65 16.93
C ALA A 261 2.28 1.53 15.91
N PHE A 262 2.50 1.85 14.63
CA PHE A 262 2.34 0.87 13.57
C PHE A 262 3.38 -0.23 13.69
N ILE A 263 4.65 0.15 13.83
CA ILE A 263 5.72 -0.84 13.86
C ILE A 263 5.70 -1.64 15.15
N ALA A 264 5.24 -1.05 16.26
CA ALA A 264 5.09 -1.86 17.47
C ALA A 264 4.27 -3.11 17.19
N GLU A 265 3.15 -2.97 16.47
CA GLU A 265 2.28 -4.12 16.21
C GLU A 265 2.92 -5.10 15.26
N VAL A 266 3.73 -4.62 14.30
CA VAL A 266 4.44 -5.52 13.39
C VAL A 266 5.44 -6.35 14.16
N ARG A 267 6.20 -5.70 15.05
CA ARG A 267 7.17 -6.38 15.89
C ARG A 267 6.49 -7.43 16.77
N LYS A 268 5.35 -7.06 17.38
CA LYS A 268 4.63 -7.97 18.26
C LYS A 268 4.20 -9.24 17.53
N VAL A 269 3.62 -9.08 16.32
CA VAL A 269 3.20 -10.23 15.53
C VAL A 269 4.38 -11.12 15.18
N ALA A 270 5.48 -10.51 14.74
CA ALA A 270 6.67 -11.29 14.42
C ALA A 270 7.15 -12.08 15.63
N ASN A 271 7.09 -11.47 16.82
CA ASN A 271 7.59 -12.10 18.03
C ASN A 271 6.71 -13.27 18.46
N GLU A 272 5.39 -13.12 18.34
CA GLU A 272 4.49 -14.08 18.97
C GLU A 272 4.16 -15.27 18.08
N ASP A 273 4.52 -15.23 16.79
CA ASP A 273 4.31 -16.37 15.90
C ASP A 273 5.38 -16.34 14.82
N LYS A 274 6.40 -17.17 15.00
CA LYS A 274 7.50 -17.22 14.03
C LYS A 274 7.07 -17.84 12.70
N SER A 275 5.93 -18.50 12.64
CA SER A 275 5.43 -19.07 11.40
C SER A 275 4.51 -18.13 10.62
N GLN A 276 4.28 -16.92 11.11
CA GLN A 276 3.31 -16.02 10.51
C GLN A 276 3.94 -15.25 9.35
N PHE A 277 3.36 -15.37 8.16
CA PHE A 277 3.77 -14.55 7.03
C PHE A 277 2.60 -14.03 6.21
N ASP A 278 1.38 -14.08 6.73
CA ASP A 278 0.24 -13.41 6.12
C ASP A 278 0.39 -11.91 6.39
N LEU A 279 0.59 -11.11 5.35
CA LEU A 279 0.80 -9.68 5.59
C LEU A 279 -0.35 -9.06 6.33
N ARG A 280 -1.58 -9.53 6.12
CA ARG A 280 -2.73 -8.94 6.81
C ARG A 280 -2.65 -9.14 8.31
N LYS A 281 -2.09 -10.26 8.75
CA LYS A 281 -1.96 -10.52 10.17
C LYS A 281 -0.99 -9.54 10.84
N PHE A 282 0.00 -9.04 10.10
CA PHE A 282 0.88 -8.01 10.62
C PHE A 282 0.22 -6.65 10.55
N PHE A 283 -0.44 -6.35 9.42
CA PHE A 283 -0.77 -4.96 9.12
C PHE A 283 -2.18 -4.55 9.54
N SER A 284 -3.09 -5.50 9.78
CA SER A 284 -4.38 -5.13 10.35
C SER A 284 -4.23 -4.59 11.76
N PRO A 285 -3.52 -5.25 12.69
CA PRO A 285 -3.34 -4.61 14.00
C PRO A 285 -2.50 -3.36 13.93
N ALA A 286 -1.53 -3.29 13.02
CA ALA A 286 -0.74 -2.09 12.87
C ALA A 286 -1.60 -0.91 12.42
N GLN A 287 -2.52 -1.15 11.48
CA GLN A 287 -3.43 -0.11 11.07
C GLN A 287 -4.28 0.36 12.24
N LEU A 288 -4.77 -0.57 13.05
CA LEU A 288 -5.65 -0.21 14.15
C LEU A 288 -4.92 0.69 15.13
N ALA A 289 -3.68 0.35 15.46
CA ALA A 289 -2.90 1.15 16.39
C ALA A 289 -2.65 2.54 15.83
N LEU A 290 -2.31 2.63 14.55
CA LEU A 290 -2.09 3.93 13.93
C LEU A 290 -3.39 4.72 13.92
N LYS A 291 -4.48 4.09 13.51
CA LYS A 291 -5.78 4.75 13.50
C LYS A 291 -6.10 5.36 14.86
N ASN A 292 -5.85 4.63 15.95
CA ASN A 292 -6.18 5.14 17.28
C ASN A 292 -5.32 6.33 17.66
N VAL A 293 -4.04 6.35 17.26
CA VAL A 293 -3.20 7.54 17.49
C VAL A 293 -3.81 8.75 16.78
N VAL A 294 -4.26 8.56 15.53
CA VAL A 294 -4.86 9.65 14.77
C VAL A 294 -6.15 10.14 15.44
N LYS A 295 -7.02 9.20 15.85
CA LYS A 295 -8.28 9.60 16.50
C LYS A 295 -8.00 10.42 17.74
N GLU A 296 -7.11 9.93 18.60
CA GLU A 296 -6.80 10.66 19.82
C GLU A 296 -6.21 12.03 19.53
N ARG A 297 -5.36 12.12 18.50
CA ARG A 297 -4.79 13.43 18.18
C ARG A 297 -5.85 14.39 17.66
N MET A 298 -6.78 13.91 16.83
CA MET A 298 -7.89 14.75 16.38
C MET A 298 -8.70 15.29 17.56
N LYS A 299 -8.98 14.44 18.55
CA LYS A 299 -9.70 14.90 19.73
C LYS A 299 -8.88 15.93 20.49
N LEU A 300 -7.59 15.65 20.68
CA LEU A 300 -6.73 16.54 21.47
C LEU A 300 -6.65 17.94 20.86
N LEU A 301 -6.52 18.00 19.54
CA LEU A 301 -6.27 19.26 18.83
C LEU A 301 -7.54 20.02 18.54
N GLY A 302 -8.69 19.36 18.57
CA GLY A 302 -9.96 20.02 18.41
C GLY A 302 -10.59 19.93 17.05
N SER A 303 -10.16 19.01 16.19
CA SER A 303 -10.75 18.85 14.87
C SER A 303 -11.85 17.79 14.84
N ALA A 304 -11.99 16.99 15.90
CA ALA A 304 -13.10 16.06 15.98
C ALA A 304 -14.41 16.83 15.93
N ASN A 305 -15.37 16.26 15.20
CA ASN A 305 -16.73 16.80 15.12
C ASN A 305 -16.77 18.16 14.44
N LYS A 306 -15.81 18.41 13.55
CA LYS A 306 -15.77 19.66 12.82
C LYS A 306 -16.25 19.54 11.38
N ILE A 307 -16.71 18.37 10.95
CA ILE A 307 -17.23 18.22 9.59
C ILE A 307 -18.68 18.67 9.55
N MET B 1 -0.67 -3.04 -21.11
CA MET B 1 -1.89 -2.40 -20.52
C MET B 1 -2.81 -3.50 -20.00
N LEU B 2 -3.98 -3.12 -19.50
CA LEU B 2 -4.93 -4.07 -18.90
C LEU B 2 -5.70 -4.82 -19.99
N VAL B 3 -5.58 -6.15 -19.95
CA VAL B 3 -6.09 -7.03 -21.00
C VAL B 3 -6.88 -8.16 -20.33
N LYS B 4 -7.71 -8.83 -21.13
CA LYS B 4 -8.46 -9.96 -20.60
C LYS B 4 -7.52 -11.13 -20.33
N GLY B 5 -7.85 -11.90 -19.30
CA GLY B 5 -6.98 -12.99 -18.89
C GLY B 5 -6.69 -13.98 -20.01
N ASN B 6 -7.70 -14.27 -20.83
CA ASN B 6 -7.49 -15.24 -21.90
C ASN B 6 -6.46 -14.76 -22.92
N GLU B 7 -6.30 -13.45 -23.10
CA GLU B 7 -5.29 -13.02 -24.07
C GLU B 7 -3.90 -13.46 -23.65
N ILE B 8 -3.58 -13.33 -22.37
CA ILE B 8 -2.29 -13.76 -21.85
C ILE B 8 -2.17 -15.28 -21.85
N LEU B 9 -3.20 -15.97 -21.40
CA LEU B 9 -3.07 -17.41 -21.22
C LEU B 9 -3.21 -18.19 -22.53
N LEU B 10 -3.96 -17.69 -23.50
CA LEU B 10 -4.01 -18.40 -24.79
C LEU B 10 -2.66 -18.37 -25.47
N LYS B 11 -1.91 -17.27 -25.36
N LYS B 11 -1.90 -17.27 -25.33
CA LYS B 11 -0.57 -17.24 -25.92
CA LYS B 11 -0.57 -17.21 -25.92
C LYS B 11 0.30 -18.31 -25.25
C LYS B 11 0.38 -18.20 -25.24
N ALA B 12 0.23 -18.38 -23.93
CA ALA B 12 1.03 -19.35 -23.19
C ALA B 12 0.63 -20.77 -23.55
N HIS B 13 -0.67 -21.01 -23.71
CA HIS B 13 -1.18 -22.31 -24.16
C HIS B 13 -0.60 -22.69 -25.52
N LYS B 14 -0.62 -21.77 -26.49
CA LYS B 14 -0.16 -22.09 -27.84
C LYS B 14 1.34 -22.35 -27.86
N GLU B 15 2.09 -21.59 -27.09
CA GLU B 15 3.54 -21.61 -27.16
C GLU B 15 4.16 -22.48 -26.09
N GLY B 16 3.36 -23.05 -25.19
CA GLY B 16 3.87 -24.01 -24.23
C GLY B 16 4.69 -23.47 -23.08
N TYR B 17 4.30 -22.33 -22.52
CA TYR B 17 4.98 -21.80 -21.35
C TYR B 17 3.97 -21.49 -20.26
N GLY B 18 4.49 -21.21 -19.08
CA GLY B 18 3.67 -20.90 -17.93
C GLY B 18 3.80 -19.43 -17.55
N VAL B 19 2.69 -18.87 -17.13
CA VAL B 19 2.62 -17.51 -16.61
C VAL B 19 2.35 -17.60 -15.12
N GLY B 20 3.27 -17.09 -14.31
CA GLY B 20 2.98 -16.96 -12.88
C GLY B 20 1.82 -16.01 -12.67
N ALA B 21 0.95 -16.39 -11.73
CA ALA B 21 -0.20 -15.57 -11.35
C ALA B 21 0.07 -15.13 -9.92
N PHE B 22 0.43 -13.87 -9.75
CA PHE B 22 1.06 -13.39 -8.53
C PHE B 22 0.04 -12.61 -7.69
N ASN B 23 -0.17 -13.08 -6.47
CA ASN B 23 -1.09 -12.40 -5.57
C ASN B 23 -0.52 -11.13 -4.97
N PHE B 24 -1.42 -10.18 -4.69
CA PHE B 24 -1.05 -9.00 -3.93
C PHE B 24 -2.11 -8.69 -2.90
N VAL B 25 -1.69 -8.06 -1.79
CA VAL B 25 -2.62 -7.53 -0.80
C VAL B 25 -2.43 -6.04 -0.54
N ASN B 26 -1.41 -5.41 -1.10
CA ASN B 26 -1.18 -3.99 -0.83
C ASN B 26 -0.21 -3.43 -1.89
N PHE B 27 0.18 -2.16 -1.69
CA PHE B 27 1.01 -1.46 -2.65
C PHE B 27 2.37 -2.13 -2.82
N GLU B 28 3.04 -2.48 -1.72
CA GLU B 28 4.39 -2.99 -1.81
C GLU B 28 4.45 -4.25 -2.66
N MET B 29 3.53 -5.18 -2.42
CA MET B 29 3.54 -6.41 -3.21
C MET B 29 3.30 -6.08 -4.68
N LEU B 30 2.35 -5.21 -4.95
CA LEU B 30 1.99 -4.91 -6.34
C LEU B 30 3.17 -4.25 -7.06
N ASN B 31 3.83 -3.30 -6.40
CA ASN B 31 4.94 -2.61 -7.04
C ASN B 31 6.06 -3.58 -7.40
N ALA B 32 6.41 -4.46 -6.47
CA ALA B 32 7.46 -5.45 -6.73
C ALA B 32 7.09 -6.37 -7.90
N ILE B 33 5.84 -6.82 -7.96
CA ILE B 33 5.41 -7.67 -9.08
C ILE B 33 5.60 -6.93 -10.40
N PHE B 34 5.14 -5.67 -10.47
CA PHE B 34 5.26 -4.91 -11.71
C PHE B 34 6.70 -4.68 -12.11
N GLU B 35 7.56 -4.30 -11.16
CA GLU B 35 8.97 -4.10 -11.49
C GLU B 35 9.60 -5.38 -12.01
N ALA B 36 9.24 -6.54 -11.42
CA ALA B 36 9.72 -7.81 -11.92
C ALA B 36 9.31 -8.02 -13.36
N GLY B 37 8.02 -7.79 -13.67
CA GLY B 37 7.56 -7.97 -15.05
C GLY B 37 8.27 -7.05 -16.01
N ASN B 38 8.53 -5.82 -15.56
CA ASN B 38 9.26 -4.88 -16.39
C ASN B 38 10.69 -5.35 -16.64
N GLU B 39 11.36 -5.86 -15.60
CA GLU B 39 12.77 -6.24 -15.73
C GLU B 39 12.96 -7.54 -16.50
N GLU B 40 11.97 -8.42 -16.50
CA GLU B 40 12.05 -9.68 -17.23
C GLU B 40 11.27 -9.67 -18.54
N ASN B 41 10.69 -8.55 -18.89
CA ASN B 41 9.89 -8.43 -20.11
C ASN B 41 8.86 -9.55 -20.20
N SER B 42 8.09 -9.72 -19.13
CA SER B 42 7.10 -10.78 -18.97
C SER B 42 5.69 -10.20 -18.85
N PRO B 43 4.71 -10.87 -19.44
CA PRO B 43 3.31 -10.53 -19.13
C PRO B 43 3.02 -10.72 -17.66
N LEU B 44 2.06 -9.94 -17.16
CA LEU B 44 1.71 -9.89 -15.76
C LEU B 44 0.28 -10.40 -15.56
N PHE B 45 0.15 -11.49 -14.83
CA PHE B 45 -1.12 -11.99 -14.38
C PHE B 45 -1.20 -11.71 -12.88
N ILE B 46 -2.01 -10.71 -12.48
CA ILE B 46 -2.08 -10.23 -11.10
C ILE B 46 -3.35 -10.76 -10.45
N GLN B 47 -3.23 -11.36 -9.25
CA GLN B 47 -4.35 -11.99 -8.54
C GLN B 47 -4.66 -11.26 -7.25
N ALA B 48 -5.96 -11.17 -6.92
CA ALA B 48 -6.43 -10.73 -5.62
C ALA B 48 -7.44 -11.76 -5.12
N SER B 49 -7.16 -12.31 -3.94
CA SER B 49 -8.10 -13.18 -3.26
C SER B 49 -9.27 -12.38 -2.70
N GLU B 50 -10.33 -13.10 -2.30
CA GLU B 50 -11.44 -12.43 -1.65
C GLU B 50 -11.00 -11.72 -0.37
N GLY B 51 -10.08 -12.32 0.40
CA GLY B 51 -9.60 -11.65 1.60
C GLY B 51 -8.79 -10.41 1.28
N ALA B 52 -8.02 -10.45 0.19
CA ALA B 52 -7.27 -9.27 -0.21
C ALA B 52 -8.21 -8.15 -0.63
N ILE B 53 -9.28 -8.47 -1.36
CA ILE B 53 -10.27 -7.47 -1.75
C ILE B 53 -10.95 -6.87 -0.52
N LYS B 54 -11.28 -7.69 0.48
CA LYS B 54 -11.88 -7.13 1.69
C LYS B 54 -10.89 -6.20 2.39
N TYR B 55 -9.61 -6.59 2.41
CA TYR B 55 -8.57 -5.83 3.10
C TYR B 55 -8.32 -4.48 2.42
N MET B 56 -8.17 -4.48 1.10
CA MET B 56 -7.91 -3.25 0.37
C MET B 56 -9.16 -2.43 0.08
N GLY B 57 -10.30 -3.10 -0.10
CA GLY B 57 -11.43 -2.55 -0.80
C GLY B 57 -11.26 -2.77 -2.29
N ILE B 58 -12.31 -3.19 -2.99
CA ILE B 58 -12.15 -3.55 -4.40
C ILE B 58 -11.80 -2.33 -5.24
N ASP B 59 -12.27 -1.15 -4.81
CA ASP B 59 -11.94 0.11 -5.50
C ASP B 59 -10.45 0.40 -5.44
N MET B 60 -9.83 0.10 -4.30
CA MET B 60 -8.38 0.31 -4.18
C MET B 60 -7.60 -0.77 -4.93
N ALA B 61 -8.06 -2.02 -4.90
CA ALA B 61 -7.34 -3.06 -5.60
C ALA B 61 -7.29 -2.76 -7.09
N VAL B 62 -8.46 -2.46 -7.68
CA VAL B 62 -8.49 -2.14 -9.10
C VAL B 62 -7.76 -0.83 -9.36
N GLY B 63 -7.98 0.16 -8.48
CA GLY B 63 -7.40 1.47 -8.70
C GLY B 63 -5.89 1.46 -8.72
N MET B 64 -5.28 0.73 -7.79
CA MET B 64 -3.82 0.65 -7.76
C MET B 64 -3.32 -0.08 -8.99
N VAL B 65 -4.03 -1.11 -9.45
CA VAL B 65 -3.57 -1.80 -10.64
C VAL B 65 -3.63 -0.87 -11.85
N LYS B 66 -4.69 -0.07 -11.96
CA LYS B 66 -4.79 0.83 -13.11
C LYS B 66 -3.67 1.86 -13.11
N ILE B 67 -3.30 2.38 -11.94
CA ILE B 67 -2.16 3.29 -11.85
C ILE B 67 -0.89 2.59 -12.32
N MET B 68 -0.69 1.36 -11.87
CA MET B 68 0.54 0.66 -12.24
C MET B 68 0.60 0.35 -13.73
N CYS B 69 -0.54 -0.02 -14.32
N CYS B 69 -0.53 0.03 -14.35
CA CYS B 69 -0.60 -0.26 -15.76
CA CYS B 69 -0.52 -0.29 -15.77
C CYS B 69 -0.15 0.97 -16.53
C CYS B 69 -0.37 0.94 -16.65
N GLU B 70 -0.64 2.14 -16.12
CA GLU B 70 -0.30 3.37 -16.80
C GLU B 70 1.19 3.66 -16.66
N ARG B 71 1.78 3.22 -15.55
CA ARG B 71 3.21 3.39 -15.35
C ARG B 71 4.03 2.49 -16.28
N TYR B 72 3.50 1.32 -16.66
CA TYR B 72 4.20 0.35 -17.51
C TYR B 72 3.28 -0.07 -18.65
N PRO B 73 2.97 0.85 -19.56
CA PRO B 73 1.92 0.58 -20.55
C PRO B 73 2.28 -0.48 -21.58
N HIS B 74 3.55 -0.87 -21.67
CA HIS B 74 3.98 -1.89 -22.61
C HIS B 74 3.79 -3.31 -22.09
N ILE B 75 3.43 -3.50 -20.82
CA ILE B 75 3.31 -4.82 -20.23
C ILE B 75 1.85 -5.27 -20.29
N PRO B 76 1.53 -6.40 -20.89
CA PRO B 76 0.16 -6.91 -20.79
C PRO B 76 -0.11 -7.31 -19.35
N VAL B 77 -1.25 -6.86 -18.81
CA VAL B 77 -1.62 -7.15 -17.43
C VAL B 77 -3.07 -7.64 -17.39
N ALA B 78 -3.29 -8.76 -16.71
CA ALA B 78 -4.65 -9.23 -16.40
C ALA B 78 -4.82 -9.11 -14.88
N LEU B 79 -6.03 -8.74 -14.47
CA LEU B 79 -6.35 -8.63 -13.05
C LEU B 79 -7.44 -9.65 -12.75
N HIS B 80 -7.12 -10.58 -11.86
CA HIS B 80 -7.86 -11.84 -11.70
C HIS B 80 -8.35 -11.99 -10.27
N LEU B 81 -9.62 -12.34 -10.14
CA LEU B 81 -10.20 -12.74 -8.86
C LEU B 81 -9.81 -14.18 -8.56
N ASP B 82 -9.00 -14.36 -7.52
CA ASP B 82 -8.46 -15.65 -7.12
C ASP B 82 -9.42 -16.31 -6.15
N HIS B 83 -9.86 -17.51 -6.49
N HIS B 83 -9.87 -17.51 -6.50
CA HIS B 83 -10.76 -18.30 -5.63
CA HIS B 83 -10.77 -18.30 -5.65
C HIS B 83 -12.00 -17.50 -5.21
C HIS B 83 -12.00 -17.50 -5.21
N GLY B 84 -12.67 -16.93 -6.19
CA GLY B 84 -14.03 -16.46 -5.96
C GLY B 84 -14.89 -17.62 -5.50
N THR B 85 -15.73 -17.37 -4.51
CA THR B 85 -16.55 -18.43 -3.90
C THR B 85 -18.03 -18.30 -4.19
N THR B 86 -18.48 -17.19 -4.76
CA THR B 86 -19.88 -17.03 -5.12
C THR B 86 -20.02 -16.31 -6.45
N PHE B 87 -21.17 -16.51 -7.08
CA PHE B 87 -21.51 -15.74 -8.27
C PHE B 87 -21.43 -14.24 -8.00
N GLU B 88 -21.93 -13.81 -6.85
CA GLU B 88 -22.00 -12.38 -6.58
C GLU B 88 -20.61 -11.77 -6.40
N SER B 89 -19.68 -12.51 -5.78
CA SER B 89 -18.31 -12.04 -5.69
C SER B 89 -17.69 -11.90 -7.08
N CYS B 90 -17.92 -12.88 -7.96
CA CYS B 90 -17.41 -12.75 -9.31
C CYS B 90 -18.03 -11.57 -10.05
N GLU B 91 -19.33 -11.36 -9.88
CA GLU B 91 -20.00 -10.25 -10.56
C GLU B 91 -19.49 -8.91 -10.06
N LYS B 92 -19.27 -8.78 -8.75
CA LYS B 92 -18.73 -7.53 -8.21
C LYS B 92 -17.34 -7.26 -8.79
N ALA B 93 -16.53 -8.30 -8.92
CA ALA B 93 -15.21 -8.11 -9.51
C ALA B 93 -15.32 -7.66 -10.96
N VAL B 94 -16.18 -8.32 -11.74
CA VAL B 94 -16.42 -7.89 -13.11
C VAL B 94 -16.81 -6.42 -13.15
N LYS B 95 -17.78 -6.02 -12.33
CA LYS B 95 -18.26 -4.64 -12.36
C LYS B 95 -17.17 -3.65 -11.96
N ALA B 96 -16.28 -4.05 -11.06
CA ALA B 96 -15.20 -3.18 -10.58
C ALA B 96 -14.07 -3.03 -11.58
N GLY B 97 -13.98 -3.93 -12.55
CA GLY B 97 -12.97 -3.81 -13.60
C GLY B 97 -11.96 -4.93 -13.68
N PHE B 98 -12.15 -6.02 -12.95
CA PHE B 98 -11.31 -7.19 -13.13
C PHE B 98 -11.49 -7.71 -14.56
N THR B 99 -10.42 -8.31 -15.09
CA THR B 99 -10.44 -8.83 -16.47
C THR B 99 -10.36 -10.35 -16.51
N SER B 100 -10.40 -11.00 -15.35
CA SER B 100 -10.47 -12.45 -15.23
C SER B 100 -11.07 -12.75 -13.86
N VAL B 101 -11.95 -13.76 -13.79
CA VAL B 101 -12.50 -14.18 -12.50
C VAL B 101 -12.43 -15.69 -12.41
N MET B 102 -12.10 -16.17 -11.22
CA MET B 102 -12.14 -17.59 -10.95
C MET B 102 -13.30 -17.88 -10.01
N ILE B 103 -14.14 -18.86 -10.38
CA ILE B 103 -15.18 -19.37 -9.49
C ILE B 103 -14.75 -20.76 -9.04
N ASP B 104 -14.60 -20.93 -7.72
CA ASP B 104 -14.19 -22.22 -7.14
C ASP B 104 -15.42 -22.90 -6.57
N ALA B 105 -15.96 -23.87 -7.31
CA ALA B 105 -17.03 -24.73 -6.83
C ALA B 105 -16.56 -26.18 -6.82
N SER B 106 -15.25 -26.39 -6.71
CA SER B 106 -14.68 -27.72 -6.84
C SER B 106 -14.99 -28.62 -5.66
N HIS B 107 -15.50 -28.08 -4.57
CA HIS B 107 -15.97 -28.91 -3.45
C HIS B 107 -17.38 -29.41 -3.67
N HIS B 108 -18.06 -28.94 -4.71
CA HIS B 108 -19.39 -29.42 -5.05
C HIS B 108 -19.30 -30.56 -6.04
N ALA B 109 -20.38 -31.33 -6.13
CA ALA B 109 -20.44 -32.40 -7.12
C ALA B 109 -20.47 -31.80 -8.53
N PHE B 110 -20.15 -32.65 -9.51
CA PHE B 110 -19.96 -32.22 -10.88
C PHE B 110 -21.10 -31.33 -11.35
N GLU B 111 -22.35 -31.76 -11.15
CA GLU B 111 -23.48 -31.02 -11.70
C GLU B 111 -23.56 -29.62 -11.12
N GLU B 112 -23.35 -29.49 -9.80
CA GLU B 112 -23.49 -28.19 -9.16
C GLU B 112 -22.33 -27.29 -9.51
N ASN B 113 -21.13 -27.86 -9.62
CA ASN B 113 -19.97 -27.10 -10.06
C ASN B 113 -20.17 -26.59 -11.48
N LEU B 114 -20.61 -27.47 -12.38
CA LEU B 114 -20.88 -27.05 -13.75
C LEU B 114 -21.96 -25.98 -13.81
N GLU B 115 -23.04 -26.14 -13.05
CA GLU B 115 -24.14 -25.17 -13.10
C GLU B 115 -23.68 -23.79 -12.68
N LEU B 116 -23.03 -23.68 -11.49
CA LEU B 116 -22.55 -22.39 -11.02
C LEU B 116 -21.45 -21.82 -11.91
N THR B 117 -20.51 -22.65 -12.35
CA THR B 117 -19.49 -22.19 -13.29
C THR B 117 -20.12 -21.61 -14.55
N SER B 118 -21.14 -22.30 -15.10
CA SER B 118 -21.77 -21.82 -16.33
C SER B 118 -22.47 -20.49 -16.12
N LYS B 119 -23.11 -20.30 -14.95
CA LYS B 119 -23.75 -19.02 -14.65
C LYS B 119 -22.73 -17.90 -14.58
N VAL B 120 -21.58 -18.14 -13.92
CA VAL B 120 -20.49 -17.16 -13.87
C VAL B 120 -19.98 -16.87 -15.28
N VAL B 121 -19.78 -17.92 -16.09
CA VAL B 121 -19.32 -17.74 -17.46
C VAL B 121 -20.28 -16.85 -18.25
N LYS B 122 -21.59 -17.14 -18.18
CA LYS B 122 -22.56 -16.33 -18.91
C LYS B 122 -22.41 -14.85 -18.55
N MET B 123 -22.34 -14.57 -17.25
CA MET B 123 -22.23 -13.18 -16.80
C MET B 123 -20.91 -12.55 -17.23
N ALA B 124 -19.81 -13.25 -17.00
CA ALA B 124 -18.49 -12.70 -17.30
C ALA B 124 -18.30 -12.50 -18.80
N HIS B 125 -18.71 -13.47 -19.62
CA HIS B 125 -18.53 -13.32 -21.07
C HIS B 125 -19.36 -12.17 -21.61
N ASN B 126 -20.51 -11.90 -21.01
CA ASN B 126 -21.30 -10.77 -21.47
C ASN B 126 -20.55 -9.45 -21.26
N ALA B 127 -19.63 -9.42 -20.28
CA ALA B 127 -18.84 -8.24 -19.99
C ALA B 127 -17.43 -8.30 -20.53
N GLY B 128 -17.13 -9.33 -21.32
CA GLY B 128 -15.82 -9.46 -21.92
C GLY B 128 -14.75 -10.00 -21.00
N VAL B 129 -15.13 -10.59 -19.86
CA VAL B 129 -14.18 -11.07 -18.87
C VAL B 129 -14.02 -12.58 -18.99
N SER B 130 -12.77 -13.06 -18.83
CA SER B 130 -12.47 -14.48 -18.90
C SER B 130 -12.68 -15.16 -17.55
N VAL B 131 -12.85 -16.50 -17.57
CA VAL B 131 -13.23 -17.26 -16.40
C VAL B 131 -12.37 -18.50 -16.21
N GLU B 132 -11.96 -18.73 -14.96
CA GLU B 132 -11.32 -19.95 -14.50
C GLU B 132 -12.27 -20.71 -13.58
N ALA B 133 -12.21 -22.04 -13.63
CA ALA B 133 -12.91 -22.95 -12.72
C ALA B 133 -11.94 -24.03 -12.26
N GLU B 134 -12.39 -24.87 -11.33
CA GLU B 134 -11.54 -25.88 -10.71
C GLU B 134 -12.31 -27.20 -10.65
N LEU B 135 -11.61 -28.31 -10.88
CA LEU B 135 -12.27 -29.60 -10.98
C LEU B 135 -11.35 -30.70 -10.47
N GLY B 136 -11.87 -31.51 -9.56
CA GLY B 136 -11.22 -32.74 -9.15
C GLY B 136 -12.23 -33.86 -9.02
N LEU B 154 -8.07 -37.13 -7.75
CA LEU B 154 -7.59 -36.48 -8.97
C LEU B 154 -8.69 -36.37 -10.01
N VAL B 155 -8.51 -35.43 -10.94
CA VAL B 155 -9.53 -35.16 -11.95
C VAL B 155 -9.64 -36.33 -12.90
N ASN B 156 -10.87 -36.61 -13.36
CA ASN B 156 -11.07 -37.56 -14.44
C ASN B 156 -11.01 -36.81 -15.75
N PRO B 157 -10.07 -37.14 -16.65
CA PRO B 157 -9.96 -36.34 -17.87
C PRO B 157 -11.23 -36.26 -18.68
N LYS B 158 -12.03 -37.34 -18.77
CA LYS B 158 -13.23 -37.27 -19.58
C LYS B 158 -14.29 -36.37 -18.96
N GLU B 159 -14.33 -36.33 -17.62
CA GLU B 159 -15.19 -35.37 -16.95
C GLU B 159 -14.73 -33.94 -17.20
N ALA B 160 -13.41 -33.71 -17.18
CA ALA B 160 -12.92 -32.38 -17.50
C ALA B 160 -13.30 -32.00 -18.91
N GLU B 161 -13.21 -32.94 -19.85
CA GLU B 161 -13.60 -32.65 -21.22
C GLU B 161 -15.03 -32.15 -21.27
N GLN B 162 -15.94 -32.87 -20.62
CA GLN B 162 -17.35 -32.50 -20.63
C GLN B 162 -17.56 -31.17 -19.93
N PHE B 163 -16.88 -31.00 -18.79
CA PHE B 163 -17.03 -29.78 -18.00
C PHE B 163 -16.63 -28.56 -18.81
N VAL B 164 -15.50 -28.62 -19.51
CA VAL B 164 -15.04 -27.49 -20.31
C VAL B 164 -16.01 -27.23 -21.46
N LYS B 165 -16.41 -28.28 -22.17
CA LYS B 165 -17.24 -28.08 -23.36
C LYS B 165 -18.59 -27.47 -22.98
N GLU B 166 -19.23 -27.99 -21.94
CA GLU B 166 -20.55 -27.49 -21.56
C GLU B 166 -20.49 -26.14 -20.86
N SER B 167 -19.45 -25.87 -20.06
CA SER B 167 -19.39 -24.61 -19.33
C SER B 167 -18.90 -23.43 -20.18
N GLN B 168 -18.08 -23.71 -21.20
CA GLN B 168 -17.41 -22.68 -21.98
C GLN B 168 -16.37 -21.90 -21.17
N VAL B 169 -15.89 -22.48 -20.07
CA VAL B 169 -14.89 -21.81 -19.25
C VAL B 169 -13.60 -21.63 -20.06
N ASP B 170 -12.87 -20.58 -19.75
CA ASP B 170 -11.70 -20.22 -20.53
C ASP B 170 -10.46 -20.99 -20.10
N TYR B 171 -10.32 -21.23 -18.80
CA TYR B 171 -9.19 -22.01 -18.30
C TYR B 171 -9.65 -22.82 -17.09
N LEU B 172 -8.98 -23.92 -16.84
CA LEU B 172 -9.38 -24.89 -15.83
C LEU B 172 -8.19 -25.21 -14.94
N ALA B 173 -8.43 -25.27 -13.63
CA ALA B 173 -7.49 -25.80 -12.65
C ALA B 173 -7.84 -27.25 -12.34
N PRO B 174 -7.21 -28.23 -12.96
CA PRO B 174 -7.49 -29.64 -12.66
C PRO B 174 -6.68 -30.13 -11.48
N ALA B 175 -7.29 -30.99 -10.66
CA ALA B 175 -6.56 -31.60 -9.55
C ALA B 175 -5.62 -32.65 -10.12
N ILE B 176 -4.32 -32.39 -10.07
CA ILE B 176 -3.33 -33.27 -10.72
C ILE B 176 -2.18 -33.63 -9.80
N GLY B 177 -2.35 -33.44 -8.50
CA GLY B 177 -1.39 -34.01 -7.57
C GLY B 177 -0.93 -33.12 -6.43
N THR B 178 -1.35 -31.86 -6.40
CA THR B 178 -0.99 -31.01 -5.27
C THR B 178 -1.99 -31.19 -4.13
N SER B 179 -1.53 -30.93 -2.91
CA SER B 179 -2.38 -30.91 -1.73
C SER B 179 -2.97 -29.51 -1.61
N HIS B 180 -4.26 -29.38 -1.92
CA HIS B 180 -4.85 -28.06 -2.10
C HIS B 180 -6.37 -28.17 -2.06
N GLY B 181 -6.98 -27.24 -1.36
CA GLY B 181 -8.44 -27.05 -1.45
C GLY B 181 -9.19 -28.30 -1.07
N ALA B 182 -10.09 -28.73 -1.97
CA ALA B 182 -10.91 -29.91 -1.77
C ALA B 182 -10.14 -31.21 -1.96
N PHE B 183 -8.85 -31.14 -2.27
CA PHE B 183 -8.05 -32.30 -2.61
C PHE B 183 -6.79 -32.34 -1.76
N LYS B 184 -6.94 -32.06 -0.46
CA LYS B 184 -5.82 -32.08 0.46
C LYS B 184 -5.49 -33.51 0.88
N PHE B 185 -4.21 -33.78 1.02
CA PHE B 185 -3.72 -35.08 1.46
C PHE B 185 -2.39 -34.89 2.17
N LYS B 186 -2.07 -35.81 3.06
CA LYS B 186 -0.79 -35.81 3.74
C LYS B 186 0.19 -36.68 2.97
N GLY B 187 1.39 -36.16 2.73
CA GLY B 187 2.42 -36.87 1.99
C GLY B 187 3.06 -36.00 0.94
N GLU B 188 4.19 -36.49 0.44
CA GLU B 188 4.92 -35.81 -0.61
C GLU B 188 4.03 -35.68 -1.83
N PRO B 189 3.74 -34.47 -2.31
CA PRO B 189 2.95 -34.34 -3.53
C PRO B 189 3.68 -34.93 -4.73
N LYS B 190 2.91 -35.45 -5.69
CA LYS B 190 3.44 -36.08 -6.87
C LYS B 190 2.61 -35.64 -8.06
N LEU B 191 3.27 -35.18 -9.11
CA LEU B 191 2.59 -34.69 -10.31
C LEU B 191 2.17 -35.87 -11.16
N ASP B 192 0.87 -35.96 -11.45
CA ASP B 192 0.37 -36.98 -12.38
C ASP B 192 0.49 -36.43 -13.79
N PHE B 193 1.67 -36.62 -14.39
CA PHE B 193 1.99 -36.01 -15.68
C PHE B 193 1.11 -36.55 -16.80
N GLU B 194 0.92 -37.87 -16.86
CA GLU B 194 0.13 -38.42 -17.96
C GLU B 194 -1.35 -38.02 -17.83
N ARG B 195 -1.86 -37.95 -16.60
CA ARG B 195 -3.21 -37.42 -16.40
C ARG B 195 -3.29 -35.98 -16.87
N LEU B 196 -2.29 -35.17 -16.51
CA LEU B 196 -2.23 -33.78 -16.98
C LEU B 196 -2.27 -33.72 -18.50
N GLN B 197 -1.44 -34.54 -19.16
CA GLN B 197 -1.39 -34.52 -20.63
C GLN B 197 -2.74 -34.91 -21.23
N GLU B 198 -3.43 -35.86 -20.60
CA GLU B 198 -4.75 -36.27 -21.10
C GLU B 198 -5.78 -35.16 -20.94
N VAL B 199 -5.82 -34.52 -19.76
CA VAL B 199 -6.70 -33.36 -19.59
C VAL B 199 -6.40 -32.32 -20.66
N LYS B 200 -5.11 -32.04 -20.89
CA LYS B 200 -4.72 -31.03 -21.86
C LYS B 200 -5.21 -31.38 -23.26
N ARG B 201 -4.98 -32.63 -23.67
CA ARG B 201 -5.34 -33.06 -25.01
C ARG B 201 -6.84 -33.02 -25.23
N LEU B 202 -7.62 -33.39 -24.22
CA LEU B 202 -9.06 -33.41 -24.35
C LEU B 202 -9.72 -32.04 -24.23
N THR B 203 -9.17 -31.15 -23.40
CA THR B 203 -9.82 -29.85 -23.22
C THR B 203 -9.30 -28.79 -24.18
N ASN B 204 -8.02 -28.84 -24.55
CA ASN B 204 -7.44 -27.88 -25.48
C ASN B 204 -7.69 -26.43 -25.04
N ILE B 205 -7.52 -26.19 -23.74
CA ILE B 205 -7.55 -24.84 -23.19
C ILE B 205 -6.36 -24.64 -22.26
N PRO B 206 -6.06 -23.40 -21.88
CA PRO B 206 -5.02 -23.18 -20.86
C PRO B 206 -5.41 -23.84 -19.55
N LEU B 207 -4.42 -24.42 -18.89
CA LEU B 207 -4.62 -25.11 -17.63
C LEU B 207 -3.88 -24.38 -16.51
N VAL B 208 -4.39 -24.54 -15.30
CA VAL B 208 -3.96 -23.75 -14.15
C VAL B 208 -3.56 -24.71 -13.03
N LEU B 209 -2.47 -24.40 -12.36
CA LEU B 209 -1.94 -25.18 -11.25
C LEU B 209 -2.10 -24.39 -9.94
N HIS B 210 -2.84 -24.95 -9.00
CA HIS B 210 -2.97 -24.41 -7.65
C HIS B 210 -2.15 -25.26 -6.67
N GLY B 211 -1.81 -24.66 -5.54
CA GLY B 211 -1.22 -25.41 -4.45
C GLY B 211 0.22 -25.84 -4.67
N ALA B 212 0.92 -25.16 -5.58
CA ALA B 212 2.29 -25.52 -5.92
C ALA B 212 3.24 -24.41 -5.49
N SER B 213 3.33 -24.18 -4.18
CA SER B 213 4.34 -23.31 -3.63
C SER B 213 5.70 -23.98 -3.75
N ALA B 214 6.69 -23.26 -4.29
CA ALA B 214 8.04 -23.80 -4.47
C ALA B 214 8.98 -22.85 -3.76
N ILE B 215 9.01 -22.95 -2.44
CA ILE B 215 9.84 -22.12 -1.56
C ILE B 215 11.30 -22.24 -1.96
N PRO B 216 11.86 -21.31 -2.74
CA PRO B 216 13.25 -21.47 -3.15
C PRO B 216 14.19 -21.49 -1.96
N ASP B 217 15.31 -22.19 -2.14
CA ASP B 217 16.26 -22.38 -1.07
C ASP B 217 16.65 -21.06 -0.41
N ASN B 218 16.88 -20.02 -1.22
CA ASN B 218 17.36 -18.75 -0.67
C ASN B 218 16.27 -18.05 0.15
N VAL B 219 15.04 -18.20 -0.29
CA VAL B 219 13.91 -17.62 0.45
C VAL B 219 13.75 -18.34 1.78
N ARG B 220 13.79 -19.66 1.75
CA ARG B 220 13.71 -20.43 2.98
C ARG B 220 14.83 -20.02 3.95
N LYS B 221 16.06 -19.92 3.45
CA LYS B 221 17.18 -19.54 4.31
C LYS B 221 16.99 -18.14 4.88
N SER B 222 16.55 -17.18 4.06
N SER B 222 16.55 -17.19 4.04
CA SER B 222 16.32 -15.84 4.56
CA SER B 222 16.29 -15.84 4.50
C SER B 222 15.28 -15.84 5.67
C SER B 222 15.27 -15.83 5.63
N TYR B 223 14.19 -16.59 5.48
CA TYR B 223 13.13 -16.60 6.47
C TYR B 223 13.61 -17.25 7.78
N LEU B 224 14.31 -18.38 7.69
CA LEU B 224 14.82 -19.03 8.90
C LEU B 224 15.90 -18.21 9.57
N ASP B 225 16.80 -17.63 8.79
CA ASP B 225 17.87 -16.81 9.36
C ASP B 225 17.28 -15.67 10.18
N ALA B 226 16.16 -15.11 9.73
CA ALA B 226 15.50 -14.00 10.41
C ALA B 226 14.69 -14.44 11.60
N GLY B 227 14.82 -15.70 12.01
CA GLY B 227 14.09 -16.20 13.16
C GLY B 227 12.80 -16.90 12.84
N GLY B 228 12.46 -17.04 11.57
CA GLY B 228 11.19 -17.63 11.23
C GLY B 228 11.17 -19.13 11.42
N ASP B 229 9.96 -19.68 11.43
CA ASP B 229 9.70 -21.12 11.53
C ASP B 229 8.79 -21.51 10.37
N LEU B 230 9.21 -22.47 9.56
CA LEU B 230 8.37 -22.91 8.46
C LEU B 230 7.70 -24.25 8.74
N LYS B 231 7.71 -24.68 10.00
CA LYS B 231 6.95 -25.82 10.50
C LYS B 231 6.77 -26.93 9.47
N GLY B 232 7.89 -27.53 9.05
CA GLY B 232 7.85 -28.65 8.14
C GLY B 232 7.09 -28.41 6.85
N SER B 233 6.77 -27.15 6.55
CA SER B 233 6.09 -26.82 5.31
C SER B 233 7.09 -26.83 4.17
N LYS B 234 6.76 -27.54 3.10
CA LYS B 234 7.73 -27.92 2.07
C LYS B 234 7.42 -27.35 0.70
N GLY B 235 6.15 -27.28 0.32
CA GLY B 235 5.88 -26.94 -1.07
C GLY B 235 6.35 -28.05 -2.00
N VAL B 236 6.79 -27.65 -3.19
CA VAL B 236 7.23 -28.61 -4.20
C VAL B 236 8.53 -28.12 -4.81
N PRO B 237 9.29 -29.00 -5.46
CA PRO B 237 10.54 -28.58 -6.07
C PRO B 237 10.30 -27.89 -7.41
N PHE B 238 11.30 -27.10 -7.83
CA PHE B 238 11.20 -26.42 -9.12
C PHE B 238 10.88 -27.41 -10.23
N GLU B 239 11.42 -28.63 -10.14
CA GLU B 239 11.19 -29.63 -11.18
C GLU B 239 9.71 -29.93 -11.34
N PHE B 240 8.96 -29.93 -10.24
CA PHE B 240 7.52 -30.12 -10.31
C PHE B 240 6.88 -29.05 -11.19
N LEU B 241 7.26 -27.79 -10.98
CA LEU B 241 6.70 -26.71 -11.79
C LEU B 241 7.10 -26.85 -13.25
N GLN B 242 8.37 -27.15 -13.50
CA GLN B 242 8.86 -27.29 -14.86
C GLN B 242 8.13 -28.42 -15.59
N GLU B 243 8.00 -29.57 -14.94
CA GLU B 243 7.30 -30.69 -15.55
C GLU B 243 5.83 -30.36 -15.78
N SER B 244 5.23 -29.57 -14.88
CA SER B 244 3.83 -29.20 -15.07
C SER B 244 3.68 -28.33 -16.32
N VAL B 245 4.60 -27.37 -16.53
CA VAL B 245 4.54 -26.57 -17.76
C VAL B 245 4.72 -27.46 -18.99
N LYS B 246 5.66 -28.42 -18.93
CA LYS B 246 5.87 -29.34 -20.05
C LYS B 246 4.58 -30.05 -20.42
N GLY B 247 3.77 -30.38 -19.42
CA GLY B 247 2.54 -31.11 -19.59
C GLY B 247 1.34 -30.28 -19.97
N GLY B 248 1.47 -28.95 -19.96
CA GLY B 248 0.40 -28.08 -20.43
C GLY B 248 -0.14 -27.08 -19.42
N ILE B 249 0.42 -26.99 -18.22
CA ILE B 249 0.06 -25.91 -17.30
C ILE B 249 0.55 -24.59 -17.85
N ASN B 250 -0.34 -23.59 -17.88
CA ASN B 250 -0.06 -22.26 -18.40
C ASN B 250 -0.18 -21.14 -17.37
N LYS B 251 -0.75 -21.41 -16.20
CA LYS B 251 -0.93 -20.41 -15.13
C LYS B 251 -0.52 -21.10 -13.85
N VAL B 252 0.38 -20.50 -13.09
CA VAL B 252 0.89 -21.08 -11.86
C VAL B 252 0.63 -20.10 -10.73
N ASN B 253 -0.34 -20.41 -9.87
CA ASN B 253 -0.68 -19.50 -8.79
C ASN B 253 0.46 -19.42 -7.81
N THR B 254 0.86 -18.19 -7.49
CA THR B 254 2.05 -17.91 -6.67
C THR B 254 1.72 -16.83 -5.65
N ASP B 255 1.70 -17.21 -4.37
CA ASP B 255 1.37 -16.30 -3.28
C ASP B 255 2.29 -16.57 -2.11
N THR B 256 2.23 -17.78 -1.56
CA THR B 256 3.03 -18.16 -0.40
C THR B 256 4.50 -17.78 -0.56
N ASP B 257 5.12 -18.13 -1.70
CA ASP B 257 6.53 -17.84 -1.91
C ASP B 257 6.82 -16.35 -1.80
N LEU B 258 5.91 -15.52 -2.31
CA LEU B 258 6.06 -14.07 -2.22
C LEU B 258 5.99 -13.59 -0.79
N ARG B 259 5.02 -14.09 -0.03
CA ARG B 259 4.85 -13.67 1.36
C ARG B 259 6.05 -14.04 2.21
N ILE B 260 6.57 -15.26 2.05
CA ILE B 260 7.72 -15.68 2.86
C ILE B 260 8.91 -14.79 2.57
N ALA B 261 9.15 -14.51 1.29
CA ALA B 261 10.30 -13.67 0.95
C ALA B 261 10.15 -12.27 1.53
N PHE B 262 8.94 -11.73 1.47
CA PHE B 262 8.68 -10.36 1.95
C PHE B 262 8.83 -10.29 3.46
N ILE B 263 8.15 -11.19 4.17
CA ILE B 263 8.17 -11.15 5.62
C ILE B 263 9.55 -11.52 6.18
N ALA B 264 10.33 -12.33 5.46
CA ALA B 264 11.69 -12.60 5.93
C ALA B 264 12.45 -11.29 6.11
N GLU B 265 12.30 -10.36 5.17
CA GLU B 265 13.05 -9.11 5.27
C GLU B 265 12.50 -8.21 6.38
N VAL B 266 11.19 -8.22 6.58
CA VAL B 266 10.59 -7.46 7.68
C VAL B 266 11.13 -7.96 9.02
N ARG B 267 11.13 -9.29 9.21
CA ARG B 267 11.68 -9.88 10.43
C ARG B 267 13.14 -9.51 10.62
N LYS B 268 13.92 -9.58 9.54
CA LYS B 268 15.33 -9.24 9.61
C LYS B 268 15.54 -7.80 10.08
N VAL B 269 14.83 -6.84 9.50
CA VAL B 269 14.97 -5.45 9.92
C VAL B 269 14.61 -5.30 11.38
N ALA B 270 13.51 -5.91 11.81
CA ALA B 270 13.08 -5.82 13.19
C ALA B 270 14.14 -6.37 14.12
N ASN B 271 14.79 -7.49 13.74
CA ASN B 271 15.79 -8.13 14.58
C ASN B 271 17.04 -7.27 14.72
N GLU B 272 17.49 -6.66 13.62
CA GLU B 272 18.82 -6.07 13.55
C GLU B 272 18.89 -4.65 14.06
N ASP B 273 17.76 -3.95 14.18
CA ASP B 273 17.76 -2.59 14.73
C ASP B 273 16.45 -2.42 15.48
N LYS B 274 16.51 -2.56 16.81
CA LYS B 274 15.32 -2.39 17.63
C LYS B 274 14.79 -0.96 17.64
N SER B 275 15.56 0.02 17.17
CA SER B 275 15.11 1.40 17.10
C SER B 275 14.46 1.75 15.77
N GLN B 276 14.40 0.81 14.82
CA GLN B 276 13.94 1.12 13.47
C GLN B 276 12.42 1.11 13.42
N PHE B 277 11.83 2.26 13.04
CA PHE B 277 10.39 2.32 12.78
C PHE B 277 10.04 3.13 11.53
N ASP B 278 11.00 3.37 10.64
CA ASP B 278 10.70 3.90 9.32
C ASP B 278 10.15 2.77 8.47
N LEU B 279 8.88 2.86 8.07
CA LEU B 279 8.27 1.75 7.34
C LEU B 279 9.04 1.43 6.08
N ARG B 280 9.60 2.44 5.42
CA ARG B 280 10.35 2.20 4.18
C ARG B 280 11.58 1.36 4.42
N LYS B 281 12.20 1.48 5.60
CA LYS B 281 13.38 0.64 5.89
C LYS B 281 13.01 -0.82 6.04
N PHE B 282 11.77 -1.11 6.45
CA PHE B 282 11.29 -2.49 6.46
C PHE B 282 10.89 -2.93 5.08
N PHE B 283 10.19 -2.08 4.33
CA PHE B 283 9.47 -2.57 3.17
C PHE B 283 10.23 -2.40 1.86
N SER B 284 11.25 -1.54 1.81
CA SER B 284 12.10 -1.53 0.61
C SER B 284 12.84 -2.84 0.44
N PRO B 285 13.55 -3.38 1.44
CA PRO B 285 14.16 -4.71 1.26
C PRO B 285 13.15 -5.81 1.06
N ALA B 286 11.98 -5.71 1.70
CA ALA B 286 10.93 -6.70 1.49
C ALA B 286 10.46 -6.72 0.04
N GLN B 287 10.23 -5.55 -0.55
CA GLN B 287 9.88 -5.48 -1.96
C GLN B 287 10.96 -6.11 -2.84
N LEU B 288 12.23 -5.79 -2.56
CA LEU B 288 13.30 -6.32 -3.40
C LEU B 288 13.29 -7.85 -3.38
N ALA B 289 13.13 -8.44 -2.20
CA ALA B 289 13.14 -9.90 -2.11
C ALA B 289 11.95 -10.48 -2.85
N LEU B 290 10.78 -9.85 -2.71
CA LEU B 290 9.62 -10.33 -3.45
C LEU B 290 9.82 -10.20 -4.94
N LYS B 291 10.29 -9.03 -5.39
CA LYS B 291 10.57 -8.84 -6.81
C LYS B 291 11.45 -9.94 -7.35
N ASN B 292 12.50 -10.28 -6.61
CA ASN B 292 13.44 -11.30 -7.09
C ASN B 292 12.80 -12.68 -7.18
N VAL B 293 11.90 -13.03 -6.25
CA VAL B 293 11.13 -14.28 -6.37
C VAL B 293 10.32 -14.29 -7.65
N VAL B 294 9.67 -13.16 -7.96
CA VAL B 294 8.83 -13.08 -9.15
C VAL B 294 9.69 -13.21 -10.41
N LYS B 295 10.81 -12.47 -10.46
CA LYS B 295 11.68 -12.54 -11.64
C LYS B 295 12.14 -13.96 -11.89
N GLU B 296 12.60 -14.64 -10.84
CA GLU B 296 13.12 -15.98 -11.04
C GLU B 296 12.01 -16.92 -11.47
N ARG B 297 10.80 -16.73 -10.94
CA ARG B 297 9.67 -17.59 -11.31
C ARG B 297 9.27 -17.37 -12.77
N MET B 298 9.26 -16.12 -13.23
CA MET B 298 9.02 -15.84 -14.65
C MET B 298 10.03 -16.56 -15.53
N LYS B 299 11.31 -16.53 -15.15
CA LYS B 299 12.31 -17.22 -15.94
C LYS B 299 12.07 -18.72 -15.90
N LEU B 300 11.76 -19.27 -14.72
CA LEU B 300 11.56 -20.72 -14.59
C LEU B 300 10.40 -21.21 -15.45
N LEU B 301 9.30 -20.49 -15.46
CA LEU B 301 8.09 -20.94 -16.14
C LEU B 301 8.10 -20.59 -17.62
N GLY B 302 8.99 -19.69 -18.03
CA GLY B 302 9.14 -19.35 -19.43
C GLY B 302 8.37 -18.15 -19.95
N SER B 303 7.94 -17.23 -19.10
CA SER B 303 7.29 -16.04 -19.58
C SER B 303 8.23 -14.86 -19.74
N ALA B 304 9.51 -14.99 -19.34
CA ALA B 304 10.47 -13.93 -19.57
C ALA B 304 10.62 -13.70 -21.05
N ASN B 305 10.76 -12.44 -21.45
CA ASN B 305 11.04 -12.06 -22.83
C ASN B 305 9.91 -12.42 -23.78
N LYS B 306 8.67 -12.47 -23.28
CA LYS B 306 7.51 -12.77 -24.10
C LYS B 306 6.67 -11.55 -24.46
N ILE B 307 7.08 -10.34 -24.09
CA ILE B 307 6.27 -9.16 -24.38
C ILE B 307 6.77 -8.39 -25.60
NA NA C . 4.84 20.41 6.18
ZN ZN D . 10.29 21.93 9.26
NA NA E . -7.14 -18.59 -9.34
ZN ZN F . -8.00 -24.05 -5.93
#